data_9AUR
#
_entry.id   9AUR
#
_cell.length_a   39.466
_cell.length_b   83.126
_cell.length_c   73.339
_cell.angle_alpha   90.000
_cell.angle_beta   90.250
_cell.angle_gamma   90.000
#
_symmetry.space_group_name_H-M   'P 1 21 1'
#
loop_
_entity.id
_entity.type
_entity.pdbx_description
1 polymer 'Fab BL3-6 heavy chain'
2 polymer 'Fab BL3-6 light chain'
3 polymer "Loop-closed A21 2'-OMe dumbbell RNA bridged by glycine"
4 non-polymer GLYCINE
5 water water
#
loop_
_entity_poly.entity_id
_entity_poly.type
_entity_poly.pdbx_seq_one_letter_code
_entity_poly.pdbx_strand_id
1 'polypeptide(L)'
;EISEVQLVESGGGLVQPGGSLRLSCAASGFYISYSSIHWVRQAPGKGLEWVASISPYSGSTYYADSVKGRFTISADTSKN
TAYLQMNSLRAEDTAVYYCARQGYRRRSGRGFDYWGQGTLVTVSSASTKGPSVFPLAPSSKSTSGGTAALGCLVKDYFPE
PVTVSWNSGALTSGVHTFPAVLQSSGLYSLSSVVTVPSSSLGTQTYICNVNHKPSNTKVDKKVEPKSC
;
H
2 'polypeptide(L)'
;SDIQMTQSPSSLSASVGDRVTITCRASQSVSSAVAWYQQKPGKAPKLLIYSASSLYSGVPSRFSGSRSGTDFTLTISSLQ
PEDFATYYCQQSYSFPSTFGQGTKVEIKRTVAAPSVFIFPPSDEQLKSGTASVVCLLNNFYPREAKVQWKVDNALQSGNS
QESVTEQDSKDSTYSLSSTLTLSKADYEKHKVYACEVTHQGLSSPVTKSFNRGEC
;
L
3 'polyribonucleotide' GGUUGAAACACGACCUGAGA(A2M)A R
#
loop_
_chem_comp.id
_chem_comp.type
_chem_comp.name
_chem_comp.formula
A RNA linking ADENOSINE-5'-MONOPHOSPHATE 'C10 H14 N5 O7 P'
A2M RNA linking '2'-O-methyladenosine 5'-(dihydrogen phosphate)' 'C11 H16 N5 O7 P'
C RNA linking CYTIDINE-5'-MONOPHOSPHATE 'C9 H14 N3 O8 P'
G RNA linking GUANOSINE-5'-MONOPHOSPHATE 'C10 H14 N5 O8 P'
U RNA linking URIDINE-5'-MONOPHOSPHATE 'C9 H13 N2 O9 P'
#
# COMPACT_ATOMS: atom_id res chain seq x y z
N GLU A 1 -24.76 -0.87 -23.71
CA GLU A 1 -23.86 -1.06 -22.58
C GLU A 1 -24.15 -0.06 -21.47
N ILE A 2 -23.75 -0.41 -20.26
CA ILE A 2 -23.81 0.52 -19.14
C ILE A 2 -22.62 1.47 -19.22
N SER A 3 -22.88 2.77 -19.11
CA SER A 3 -21.82 3.77 -19.11
C SER A 3 -21.35 4.01 -17.68
N GLU A 4 -20.09 3.72 -17.42
CA GLU A 4 -19.48 3.85 -16.11
C GLU A 4 -18.61 5.10 -16.08
N VAL A 5 -18.66 5.82 -14.96
CA VAL A 5 -17.74 6.94 -14.77
C VAL A 5 -16.37 6.38 -14.42
N GLN A 6 -15.36 6.83 -15.16
CA GLN A 6 -14.00 6.35 -15.03
C GLN A 6 -13.02 7.49 -15.27
N LEU A 7 -11.94 7.52 -14.50
CA LEU A 7 -10.82 8.42 -14.71
C LEU A 7 -9.57 7.56 -14.83
N VAL A 8 -8.92 7.62 -15.99
CA VAL A 8 -7.76 6.79 -16.27
C VAL A 8 -6.54 7.70 -16.41
N GLU A 9 -5.59 7.52 -15.51
CA GLU A 9 -4.39 8.34 -15.44
C GLU A 9 -3.24 7.71 -16.21
N SER A 10 -2.35 8.57 -16.69
CA SER A 10 -1.13 8.13 -17.34
C SER A 10 -0.09 9.25 -17.25
N GLY A 11 1.15 8.90 -17.58
CA GLY A 11 2.22 9.87 -17.69
C GLY A 11 3.17 9.91 -16.51
N GLY A 12 2.89 9.19 -15.45
CA GLY A 12 3.80 9.16 -14.31
C GLY A 12 5.02 8.30 -14.58
N GLY A 13 5.96 8.37 -13.66
CA GLY A 13 7.15 7.55 -13.76
C GLY A 13 8.34 8.29 -13.18
N LEU A 14 9.52 7.83 -13.56
CA LEU A 14 10.79 8.32 -13.01
C LEU A 14 11.23 9.57 -13.78
N VAL A 15 11.63 10.61 -13.05
CA VAL A 15 12.07 11.86 -13.65
C VAL A 15 13.22 12.44 -12.84
N GLN A 16 14.20 13.03 -13.52
CA GLN A 16 15.34 13.61 -12.85
C GLN A 16 14.96 14.92 -12.17
N PRO A 17 15.57 15.23 -11.02
CA PRO A 17 15.32 16.52 -10.37
C PRO A 17 15.56 17.68 -11.32
N GLY A 18 14.71 18.70 -11.20
CA GLY A 18 14.70 19.79 -12.16
C GLY A 18 13.96 19.51 -13.45
N GLY A 19 13.56 18.27 -13.70
CA GLY A 19 12.90 17.91 -14.93
C GLY A 19 11.40 18.19 -14.90
N SER A 20 10.73 17.75 -15.96
CA SER A 20 9.33 18.04 -16.22
C SER A 20 8.59 16.77 -16.55
N LEU A 21 7.27 16.78 -16.30
CA LEU A 21 6.42 15.65 -16.58
C LEU A 21 5.01 16.18 -16.78
N ARG A 22 4.25 15.54 -17.65
CA ARG A 22 2.84 15.86 -17.80
C ARG A 22 2.01 14.63 -17.48
N LEU A 23 1.10 14.77 -16.52
CA LEU A 23 0.15 13.72 -16.21
C LEU A 23 -1.15 13.94 -16.95
N SER A 24 -1.78 12.84 -17.34
CA SER A 24 -3.04 12.90 -18.05
C SER A 24 -4.12 12.18 -17.24
N CYS A 25 -5.34 12.66 -17.37
CA CYS A 25 -6.49 12.09 -16.68
C CYS A 25 -7.61 12.01 -17.72
N ALA A 26 -7.73 10.84 -18.36
CA ALA A 26 -8.71 10.66 -19.41
C ALA A 26 -10.02 10.16 -18.81
N ALA A 27 -11.09 10.91 -19.04
CA ALA A 27 -12.39 10.63 -18.43
C ALA A 27 -13.33 9.93 -19.40
N SER A 28 -14.16 9.05 -18.84
CA SER A 28 -15.26 8.43 -19.57
C SER A 28 -16.49 8.40 -18.68
N GLY A 29 -17.66 8.33 -19.32
CA GLY A 29 -18.91 8.25 -18.59
C GLY A 29 -19.51 9.58 -18.20
N PHE A 30 -18.80 10.68 -18.47
CA PHE A 30 -19.30 12.02 -18.19
C PHE A 30 -18.46 13.01 -18.99
N TYR A 31 -19.05 14.18 -19.28
CA TYR A 31 -18.35 15.20 -20.03
C TYR A 31 -17.60 16.10 -19.04
N ILE A 32 -16.27 16.19 -19.19
CA ILE A 32 -15.47 16.92 -18.19
C ILE A 32 -15.77 18.41 -18.17
N SER A 33 -16.38 18.94 -19.23
CA SER A 33 -16.70 20.37 -19.32
C SER A 33 -17.57 20.85 -18.18
N TYR A 34 -18.35 19.94 -17.58
CA TYR A 34 -19.40 20.34 -16.64
C TYR A 34 -19.08 19.94 -15.20
N SER A 35 -17.80 19.66 -14.92
CA SER A 35 -17.31 19.26 -13.60
C SER A 35 -16.06 20.05 -13.28
N SER A 36 -15.85 20.29 -11.98
CA SER A 36 -14.53 20.68 -11.52
C SER A 36 -13.65 19.43 -11.43
N ILE A 37 -12.40 19.56 -11.87
CA ILE A 37 -11.46 18.45 -11.82
C ILE A 37 -10.31 18.88 -10.91
N HIS A 38 -9.88 17.98 -10.03
CA HIS A 38 -8.82 18.27 -9.06
C HIS A 38 -7.66 17.30 -9.20
N TRP A 39 -6.47 17.75 -8.81
CA TRP A 39 -5.35 16.86 -8.56
C TRP A 39 -5.00 16.85 -7.08
N VAL A 40 -4.79 15.65 -6.53
CA VAL A 40 -4.47 15.40 -5.13
C VAL A 40 -3.30 14.43 -5.11
N ARG A 41 -2.31 14.69 -4.27
CA ARG A 41 -1.16 13.79 -4.23
C ARG A 41 -0.93 13.28 -2.82
N GLN A 42 -0.20 12.16 -2.74
CA GLN A 42 0.12 11.51 -1.48
C GLN A 42 1.57 11.06 -1.51
N ALA A 43 2.42 11.75 -0.77
CA ALA A 43 3.81 11.39 -0.65
C ALA A 43 3.97 10.13 0.19
N PRO A 44 5.08 9.40 0.03
CA PRO A 44 5.27 8.16 0.79
C PRO A 44 5.17 8.40 2.29
N GLY A 45 4.27 7.66 2.93
CA GLY A 45 4.05 7.77 4.36
C GLY A 45 3.28 8.98 4.83
N LYS A 46 2.83 9.85 3.93
CA LYS A 46 2.13 11.07 4.32
C LYS A 46 0.66 10.96 3.96
N GLY A 47 -0.08 12.03 4.25
CA GLY A 47 -1.50 12.09 3.96
C GLY A 47 -1.78 12.64 2.58
N LEU A 48 -3.06 12.96 2.37
CA LEU A 48 -3.49 13.59 1.12
C LEU A 48 -3.19 15.07 1.13
N GLU A 49 -2.69 15.58 0.00
CA GLU A 49 -2.41 17.00 -0.18
C GLU A 49 -3.07 17.47 -1.48
N TRP A 50 -3.99 18.42 -1.35
CA TRP A 50 -4.62 19.00 -2.55
C TRP A 50 -3.61 19.85 -3.31
N VAL A 51 -3.61 19.73 -4.65
CA VAL A 51 -2.57 20.30 -5.51
C VAL A 51 -3.13 21.40 -6.42
N ALA A 52 -4.23 21.15 -7.13
CA ALA A 52 -4.72 22.11 -8.12
C ALA A 52 -6.14 21.72 -8.53
N SER A 53 -6.85 22.69 -9.13
CA SER A 53 -8.18 22.40 -9.66
C SER A 53 -8.51 23.33 -10.83
N ILE A 54 -9.47 22.90 -11.66
CA ILE A 54 -9.97 23.70 -12.78
C ILE A 54 -11.51 23.62 -12.77
N SER A 55 -12.16 24.77 -12.97
CA SER A 55 -13.59 24.98 -12.82
C SER A 55 -14.33 24.84 -14.14
N PRO A 56 -15.57 24.36 -14.10
CA PRO A 56 -16.39 24.30 -15.31
C PRO A 56 -16.86 25.68 -15.73
N TYR A 57 -17.20 25.80 -17.03
CA TYR A 57 -17.71 26.98 -17.72
C TYR A 57 -16.65 28.07 -17.88
N SER A 58 -15.93 28.40 -16.81
CA SER A 58 -14.91 29.44 -16.83
C SER A 58 -13.54 28.93 -17.21
N GLY A 59 -13.20 27.70 -16.78
CA GLY A 59 -11.82 27.28 -16.87
C GLY A 59 -10.89 27.96 -15.89
N SER A 60 -11.43 28.62 -14.86
CA SER A 60 -10.60 29.16 -13.80
C SER A 60 -9.78 28.06 -13.12
N THR A 61 -8.56 28.41 -12.73
CA THR A 61 -7.64 27.45 -12.13
C THR A 61 -7.18 27.92 -10.76
N TYR A 62 -6.82 26.95 -9.93
CA TYR A 62 -6.43 27.19 -8.54
C TYR A 62 -5.29 26.26 -8.18
N TYR A 63 -4.38 26.73 -7.33
CA TYR A 63 -3.18 25.97 -6.97
C TYR A 63 -2.85 26.06 -5.50
N ALA A 64 -2.28 24.99 -4.97
CA ALA A 64 -1.65 25.04 -3.66
C ALA A 64 -0.35 25.85 -3.73
N ASP A 65 -0.04 26.55 -2.63
CA ASP A 65 1.19 27.33 -2.58
C ASP A 65 2.42 26.48 -2.89
N SER A 66 2.42 25.21 -2.48
CA SER A 66 3.55 24.31 -2.68
C SER A 66 3.88 24.07 -4.15
N VAL A 67 2.93 24.29 -5.08
CA VAL A 67 3.19 24.05 -6.50
C VAL A 67 2.97 25.27 -7.36
N LYS A 68 2.49 26.37 -6.80
CA LYS A 68 2.19 27.55 -7.59
C LYS A 68 3.41 28.04 -8.36
N GLY A 69 3.23 28.35 -9.64
CA GLY A 69 4.30 28.81 -10.49
C GLY A 69 5.10 27.73 -11.18
N ARG A 70 5.00 26.48 -10.71
CA ARG A 70 5.68 25.34 -11.31
C ARG A 70 4.72 24.38 -12.00
N PHE A 71 3.51 24.20 -11.48
CA PHE A 71 2.56 23.27 -12.05
C PHE A 71 1.45 24.04 -12.77
N THR A 72 0.87 23.40 -13.79
CA THR A 72 -0.22 23.99 -14.56
C THR A 72 -1.29 22.92 -14.76
N ILE A 73 -2.52 23.21 -14.34
CA ILE A 73 -3.64 22.32 -14.63
C ILE A 73 -4.39 22.85 -15.85
N SER A 74 -4.89 21.94 -16.67
CA SER A 74 -5.66 22.32 -17.85
C SER A 74 -6.63 21.20 -18.22
N ALA A 75 -7.54 21.51 -19.14
CA ALA A 75 -8.45 20.50 -19.66
C ALA A 75 -8.64 20.71 -21.15
N ASP A 76 -8.59 19.61 -21.90
CA ASP A 76 -8.94 19.60 -23.32
C ASP A 76 -10.29 18.91 -23.43
N THR A 77 -11.34 19.70 -23.55
CA THR A 77 -12.67 19.11 -23.61
C THR A 77 -12.87 18.27 -24.86
N SER A 78 -12.18 18.60 -25.96
CA SER A 78 -12.27 17.83 -27.21
C SER A 78 -11.68 16.43 -27.09
N LYS A 79 -10.90 16.16 -26.03
CA LYS A 79 -10.38 14.84 -25.74
C LYS A 79 -10.91 14.32 -24.42
N ASN A 80 -11.78 15.09 -23.75
CA ASN A 80 -12.34 14.73 -22.45
C ASN A 80 -11.23 14.37 -21.45
N THR A 81 -10.14 15.13 -21.50
CA THR A 81 -8.95 14.83 -20.71
C THR A 81 -8.48 16.07 -19.95
N ALA A 82 -8.09 15.86 -18.69
CA ALA A 82 -7.42 16.89 -17.91
C ALA A 82 -5.93 16.56 -17.77
N TYR A 83 -5.14 17.59 -17.51
CA TYR A 83 -3.69 17.45 -17.45
C TYR A 83 -3.14 18.17 -16.22
N LEU A 84 -1.99 17.67 -15.73
CA LEU A 84 -1.17 18.39 -14.76
C LEU A 84 0.25 18.44 -15.32
N GLN A 85 0.66 19.62 -15.77
CA GLN A 85 2.00 19.81 -16.32
C GLN A 85 2.89 20.23 -15.17
N MET A 86 3.96 19.48 -14.91
CA MET A 86 4.80 19.72 -13.75
C MET A 86 6.21 20.09 -14.21
N ASN A 87 6.66 21.29 -13.84
CA ASN A 87 8.01 21.75 -14.15
C ASN A 87 8.83 21.89 -12.87
N SER A 88 10.16 21.93 -13.05
CA SER A 88 11.11 22.16 -11.97
C SER A 88 10.85 21.22 -10.79
N LEU A 89 10.79 19.93 -11.10
CA LEU A 89 10.43 18.94 -10.09
C LEU A 89 11.52 18.78 -9.06
N ARG A 90 11.10 18.59 -7.82
CA ARG A 90 11.99 18.36 -6.69
C ARG A 90 11.67 16.99 -6.08
N ALA A 91 12.61 16.48 -5.29
CA ALA A 91 12.38 15.23 -4.58
C ALA A 91 11.12 15.28 -3.73
N GLU A 92 10.81 16.44 -3.15
CA GLU A 92 9.60 16.60 -2.36
C GLU A 92 8.34 16.41 -3.17
N ASP A 93 8.43 16.40 -4.50
CA ASP A 93 7.25 16.16 -5.33
C ASP A 93 6.99 14.69 -5.60
N THR A 94 7.87 13.80 -5.15
CA THR A 94 7.66 12.36 -5.31
C THR A 94 6.38 11.95 -4.58
N ALA A 95 5.46 11.32 -5.30
CA ALA A 95 4.16 10.98 -4.71
C ALA A 95 3.35 10.20 -5.73
N VAL A 96 2.28 9.58 -5.23
CA VAL A 96 1.19 9.12 -6.08
C VAL A 96 0.27 10.30 -6.31
N TYR A 97 0.05 10.59 -7.59
CA TYR A 97 -0.85 11.70 -7.97
C TYR A 97 -2.18 11.15 -8.45
N TYR A 98 -3.24 11.71 -7.89
CA TYR A 98 -4.59 11.29 -8.30
C TYR A 98 -5.34 12.45 -8.94
N CYS A 99 -6.14 12.12 -9.94
CA CYS A 99 -7.09 13.13 -10.43
C CYS A 99 -8.45 12.72 -9.83
N ALA A 100 -9.28 13.70 -9.55
CA ALA A 100 -10.58 13.43 -8.95
C ALA A 100 -11.63 14.34 -9.56
N ARG A 101 -12.84 13.81 -9.71
CA ARG A 101 -13.99 14.60 -10.12
C ARG A 101 -14.69 15.14 -8.88
N GLN A 102 -14.87 16.46 -8.83
CA GLN A 102 -15.82 17.01 -7.88
C GLN A 102 -17.22 16.71 -8.40
N GLY A 103 -18.07 16.15 -7.55
CA GLY A 103 -19.38 15.70 -8.00
C GLY A 103 -20.31 16.86 -8.30
N TYR A 104 -21.53 16.50 -8.69
CA TYR A 104 -22.54 17.51 -9.03
C TYR A 104 -23.13 18.07 -7.75
N ARG A 105 -23.26 19.42 -7.72
CA ARG A 105 -23.53 20.13 -6.48
C ARG A 105 -24.74 19.58 -5.75
N ARG A 106 -25.83 19.35 -6.45
CA ARG A 106 -27.08 18.96 -5.76
C ARG A 106 -27.01 17.52 -5.23
N ARG A 107 -26.10 16.71 -5.77
CA ARG A 107 -26.03 15.28 -5.40
C ARG A 107 -24.84 14.98 -4.50
N SER A 108 -23.82 15.83 -4.50
CA SER A 108 -22.60 15.49 -3.74
C SER A 108 -21.92 16.73 -3.16
N GLY A 109 -22.58 17.89 -3.16
CA GLY A 109 -21.92 19.10 -2.68
C GLY A 109 -20.61 19.35 -3.38
N ARG A 110 -19.55 19.52 -2.58
CA ARG A 110 -18.20 19.67 -3.12
C ARG A 110 -17.35 18.41 -2.92
N GLY A 111 -17.95 17.30 -2.55
CA GLY A 111 -17.19 16.08 -2.39
C GLY A 111 -16.64 15.58 -3.71
N PHE A 112 -15.50 14.89 -3.64
CA PHE A 112 -14.87 14.32 -4.83
C PHE A 112 -15.39 12.89 -4.97
N ASP A 113 -16.31 12.66 -5.94
CA ASP A 113 -17.02 11.39 -5.94
C ASP A 113 -16.36 10.29 -6.77
N TYR A 114 -15.53 10.63 -7.76
CA TYR A 114 -14.78 9.64 -8.53
C TYR A 114 -13.33 10.05 -8.63
N TRP A 115 -12.43 9.05 -8.60
CA TRP A 115 -11.00 9.26 -8.57
C TRP A 115 -10.31 8.37 -9.60
N GLY A 116 -9.21 8.87 -10.14
CA GLY A 116 -8.34 8.03 -10.95
C GLY A 116 -7.65 7.00 -10.09
N GLN A 117 -6.93 6.10 -10.77
CA GLN A 117 -6.30 4.99 -10.09
C GLN A 117 -4.99 5.37 -9.41
N GLY A 118 -4.48 6.57 -9.68
CA GLY A 118 -3.20 7.02 -9.16
C GLY A 118 -2.08 6.75 -10.15
N THR A 119 -1.11 7.65 -10.23
CA THR A 119 0.11 7.36 -10.98
C THR A 119 1.29 7.82 -10.15
N LEU A 120 2.34 7.00 -10.10
CA LEU A 120 3.48 7.27 -9.25
C LEU A 120 4.51 8.11 -10.00
N VAL A 121 4.87 9.24 -9.40
CA VAL A 121 5.93 10.10 -9.90
C VAL A 121 7.10 10.00 -8.93
N THR A 122 8.25 9.57 -9.44
CA THR A 122 9.47 9.41 -8.65
C THR A 122 10.50 10.40 -9.17
N VAL A 123 10.86 11.36 -8.34
CA VAL A 123 11.87 12.36 -8.69
C VAL A 123 13.20 11.90 -8.11
N SER A 124 14.07 11.38 -8.99
CA SER A 124 15.36 10.80 -8.55
C SER A 124 16.32 10.77 -9.74
N SER A 125 17.61 10.77 -9.44
CA SER A 125 18.64 10.65 -10.51
C SER A 125 19.03 9.18 -10.71
N ALA A 126 18.53 8.31 -9.85
CA ALA A 126 18.88 6.88 -9.94
C ALA A 126 18.35 6.23 -11.22
N SER A 127 19.00 5.15 -11.62
CA SER A 127 18.64 4.49 -12.89
C SER A 127 17.64 3.35 -12.68
N THR A 128 16.79 3.14 -13.67
CA THR A 128 15.89 1.99 -13.65
C THR A 128 16.70 0.70 -13.63
N LYS A 129 16.30 -0.22 -12.76
CA LYS A 129 16.91 -1.55 -12.69
C LYS A 129 15.84 -2.61 -12.48
N GLY A 130 15.88 -3.66 -13.30
CA GLY A 130 14.97 -4.78 -13.17
C GLY A 130 15.40 -5.71 -12.04
N PRO A 131 14.46 -6.46 -11.49
CA PRO A 131 14.77 -7.31 -10.34
C PRO A 131 15.35 -8.66 -10.72
N SER A 132 16.02 -9.26 -9.73
CA SER A 132 16.32 -10.69 -9.75
C SER A 132 15.26 -11.39 -8.91
N VAL A 133 14.93 -12.62 -9.29
CA VAL A 133 13.89 -13.39 -8.61
C VAL A 133 14.48 -14.72 -8.16
N PHE A 134 14.35 -15.02 -6.87
CA PHE A 134 14.94 -16.22 -6.29
C PHE A 134 13.86 -17.04 -5.58
N PRO A 135 13.95 -18.38 -5.63
CA PRO A 135 12.95 -19.20 -4.95
C PRO A 135 13.12 -19.19 -3.44
N LEU A 136 11.98 -19.25 -2.75
CA LEU A 136 11.89 -19.56 -1.33
C LEU A 136 11.35 -20.99 -1.26
N ALA A 137 12.24 -21.97 -1.16
CA ALA A 137 11.80 -23.37 -1.36
C ALA A 137 11.08 -24.00 -0.17
N PRO A 138 10.04 -24.83 -0.43
CA PRO A 138 9.27 -25.48 0.63
C PRO A 138 9.79 -26.88 0.99
N SER A 139 9.24 -27.49 2.05
CA SER A 139 9.63 -28.88 2.38
C SER A 139 8.50 -29.61 3.12
N SER A 140 8.40 -30.92 2.91
CA SER A 140 7.39 -31.73 3.66
C SER A 140 7.91 -31.89 5.08
N LYS A 141 9.19 -31.63 5.30
CA LYS A 141 9.77 -31.65 6.67
C LYS A 141 9.53 -30.33 7.38
N SER A 142 9.15 -29.27 6.65
CA SER A 142 9.00 -27.93 7.26
C SER A 142 7.53 -27.51 7.28
N THR A 143 6.77 -28.03 8.25
CA THR A 143 5.33 -27.72 8.34
C THR A 143 5.01 -26.93 9.61
N SER A 144 4.11 -25.97 9.50
CA SER A 144 3.68 -25.18 10.64
C SER A 144 2.22 -24.80 10.44
N GLY A 145 1.43 -24.89 11.50
CA GLY A 145 0.01 -24.61 11.40
C GLY A 145 -0.74 -25.51 10.44
N GLY A 146 -0.18 -26.66 10.09
CA GLY A 146 -0.83 -27.61 9.21
C GLY A 146 -0.60 -27.41 7.72
N THR A 147 0.39 -26.60 7.34
CA THR A 147 0.69 -26.32 5.94
C THR A 147 2.19 -26.30 5.73
N ALA A 148 2.60 -26.37 4.47
CA ALA A 148 3.94 -25.95 4.04
C ALA A 148 3.85 -24.53 3.52
N ALA A 149 5.01 -23.91 3.29
CA ALA A 149 5.06 -22.57 2.72
C ALA A 149 6.21 -22.48 1.71
N LEU A 150 5.98 -21.68 0.67
CA LEU A 150 6.99 -21.44 -0.36
C LEU A 150 6.82 -20.01 -0.84
N GLY A 151 7.74 -19.54 -1.67
CA GLY A 151 7.60 -18.17 -2.13
C GLY A 151 8.68 -17.76 -3.11
N CYS A 152 8.67 -16.47 -3.42
CA CYS A 152 9.65 -15.88 -4.33
C CYS A 152 10.16 -14.59 -3.71
N LEU A 153 11.48 -14.43 -3.75
CA LEU A 153 12.16 -13.24 -3.27
C LEU A 153 12.48 -12.38 -4.48
N VAL A 154 11.95 -11.15 -4.53
CA VAL A 154 12.19 -10.21 -5.66
C VAL A 154 13.16 -9.13 -5.19
N LYS A 155 14.36 -9.06 -5.76
CA LYS A 155 15.39 -8.17 -5.15
C LYS A 155 16.11 -7.14 -6.04
N ASP A 156 16.61 -6.01 -5.48
CA ASP A 156 17.53 -5.00 -6.13
C ASP A 156 16.77 -4.45 -7.37
N TYR A 157 15.56 -3.88 -7.22
CA TYR A 157 14.84 -3.24 -8.36
C TYR A 157 14.55 -1.75 -8.10
N PHE A 158 14.33 -0.96 -9.17
CA PHE A 158 14.06 0.47 -9.04
C PHE A 158 13.49 0.99 -10.35
N PRO A 159 12.49 1.88 -10.32
CA PRO A 159 11.75 2.35 -9.15
C PRO A 159 10.65 1.35 -8.80
N GLU A 160 9.80 1.62 -7.81
CA GLU A 160 8.58 0.85 -7.67
C GLU A 160 7.69 1.11 -8.88
N PRO A 161 6.71 0.21 -9.14
CA PRO A 161 6.33 -0.99 -8.40
C PRO A 161 6.63 -2.31 -9.10
N VAL A 162 6.59 -3.41 -8.36
CA VAL A 162 6.52 -4.74 -8.93
C VAL A 162 5.20 -5.37 -8.51
N THR A 163 4.71 -6.29 -9.32
CA THR A 163 3.55 -7.10 -8.97
C THR A 163 3.92 -8.57 -9.12
N VAL A 164 3.31 -9.40 -8.27
CA VAL A 164 3.55 -10.84 -8.27
C VAL A 164 2.20 -11.56 -8.33
N SER A 165 2.11 -12.58 -9.19
CA SER A 165 1.01 -13.53 -9.15
C SER A 165 1.57 -14.94 -9.07
N TRP A 166 0.69 -15.90 -8.85
CA TRP A 166 1.06 -17.30 -8.74
C TRP A 166 0.24 -18.11 -9.73
N ASN A 167 0.91 -19.02 -10.44
CA ASN A 167 0.28 -19.88 -11.45
C ASN A 167 -0.63 -19.08 -12.37
N SER A 168 -0.09 -17.95 -12.86
CA SER A 168 -0.77 -17.06 -13.79
C SER A 168 -2.11 -16.56 -13.24
N GLY A 169 -2.19 -16.44 -11.91
CA GLY A 169 -3.38 -15.93 -11.26
C GLY A 169 -4.34 -17.01 -10.80
N ALA A 170 -4.11 -18.27 -11.14
CA ALA A 170 -5.01 -19.34 -10.73
C ALA A 170 -4.88 -19.65 -9.25
N LEU A 171 -3.76 -19.30 -8.62
CA LEU A 171 -3.52 -19.57 -7.21
C LEU A 171 -3.56 -18.25 -6.45
N THR A 172 -4.59 -18.06 -5.63
CA THR A 172 -4.72 -16.82 -4.86
C THR A 172 -4.90 -17.11 -3.38
N SER A 173 -5.44 -18.28 -3.05
CA SER A 173 -5.71 -18.61 -1.65
C SER A 173 -4.40 -18.82 -0.90
N GLY A 174 -4.23 -18.10 0.20
CA GLY A 174 -3.03 -18.24 1.00
C GLY A 174 -1.85 -17.43 0.52
N VAL A 175 -2.02 -16.61 -0.50
CA VAL A 175 -0.92 -15.80 -1.04
C VAL A 175 -0.79 -14.51 -0.23
N HIS A 176 0.45 -14.18 0.13
CA HIS A 176 0.76 -12.92 0.81
C HIS A 176 1.94 -12.28 0.10
N THR A 177 1.71 -11.12 -0.52
CA THR A 177 2.77 -10.37 -1.18
C THR A 177 3.05 -9.14 -0.33
N PHE A 178 4.26 -9.10 0.22
CA PHE A 178 4.60 -8.09 1.22
C PHE A 178 4.91 -6.75 0.57
N PRO A 179 4.71 -5.65 1.29
CA PRO A 179 5.12 -4.34 0.77
C PRO A 179 6.62 -4.31 0.54
N ALA A 180 7.02 -3.54 -0.47
CA ALA A 180 8.43 -3.38 -0.79
C ALA A 180 9.17 -2.69 0.34
N VAL A 181 10.44 -3.06 0.49
CA VAL A 181 11.33 -2.46 1.47
C VAL A 181 12.53 -1.86 0.75
N LEU A 182 12.89 -0.64 1.12
CA LEU A 182 14.05 0.02 0.52
C LEU A 182 15.30 -0.43 1.25
N GLN A 183 16.26 -0.97 0.50
CA GLN A 183 17.52 -1.44 1.06
C GLN A 183 18.53 -0.30 1.10
N SER A 184 19.64 -0.53 1.83
CA SER A 184 20.64 0.53 1.97
C SER A 184 21.29 0.87 0.64
N SER A 185 21.23 -0.04 -0.34
CA SER A 185 21.73 0.20 -1.68
C SER A 185 20.89 1.20 -2.46
N GLY A 186 19.69 1.54 -1.98
CA GLY A 186 18.78 2.36 -2.74
C GLY A 186 17.83 1.59 -3.64
N LEU A 187 17.94 0.26 -3.65
CA LEU A 187 17.07 -0.60 -4.44
C LEU A 187 16.04 -1.28 -3.55
N TYR A 188 14.90 -1.64 -4.14
CA TYR A 188 13.82 -2.27 -3.40
C TYR A 188 13.93 -3.79 -3.44
N SER A 189 13.23 -4.42 -2.49
CA SER A 189 13.09 -5.86 -2.43
C SER A 189 11.75 -6.17 -1.78
N LEU A 190 11.14 -7.26 -2.21
CA LEU A 190 9.97 -7.77 -1.52
C LEU A 190 9.92 -9.28 -1.68
N SER A 191 9.10 -9.91 -0.88
CA SER A 191 8.82 -11.33 -1.03
C SER A 191 7.34 -11.54 -1.21
N SER A 192 7.01 -12.62 -1.91
CA SER A 192 5.66 -13.12 -2.04
C SER A 192 5.67 -14.58 -1.62
N VAL A 193 4.75 -14.97 -0.76
CA VAL A 193 4.72 -16.31 -0.20
C VAL A 193 3.31 -16.87 -0.34
N VAL A 194 3.21 -18.19 -0.18
CA VAL A 194 1.93 -18.88 -0.18
C VAL A 194 2.07 -20.11 0.69
N THR A 195 1.02 -20.42 1.44
CA THR A 195 0.95 -21.65 2.20
C THR A 195 0.15 -22.67 1.40
N VAL A 196 0.63 -23.91 1.38
CA VAL A 196 0.04 -24.97 0.56
C VAL A 196 0.05 -26.26 1.35
N PRO A 197 -0.80 -27.22 0.97
CA PRO A 197 -0.75 -28.54 1.61
C PRO A 197 0.60 -29.20 1.37
N SER A 198 1.18 -29.75 2.45
CA SER A 198 2.45 -30.45 2.33
C SER A 198 2.35 -31.65 1.40
N SER A 199 1.17 -32.24 1.27
CA SER A 199 0.98 -33.45 0.43
C SER A 199 1.14 -33.07 -1.02
N SER A 200 0.85 -31.82 -1.34
CA SER A 200 0.87 -31.31 -2.73
C SER A 200 2.29 -31.11 -3.28
N LEU A 201 3.29 -30.88 -2.42
CA LEU A 201 4.61 -30.64 -3.00
C LEU A 201 5.01 -31.90 -3.77
N GLY A 202 5.36 -31.75 -5.04
CA GLY A 202 5.70 -32.93 -5.85
C GLY A 202 4.52 -33.39 -6.66
N THR A 203 3.31 -33.05 -6.24
CA THR A 203 2.14 -33.39 -7.06
C THR A 203 1.67 -32.13 -7.76
N GLN A 204 2.09 -30.96 -7.26
CA GLN A 204 1.56 -29.69 -7.82
C GLN A 204 2.72 -28.77 -8.19
N THR A 205 2.51 -27.93 -9.19
CA THR A 205 3.55 -27.00 -9.66
C THR A 205 3.23 -25.57 -9.20
N TYR A 206 4.23 -24.87 -8.71
CA TYR A 206 4.05 -23.51 -8.22
C TYR A 206 5.03 -22.61 -8.96
N ILE A 207 4.48 -21.65 -9.71
CA ILE A 207 5.25 -20.69 -10.48
C ILE A 207 4.87 -19.29 -10.03
N CYS A 208 5.86 -18.48 -9.70
CA CYS A 208 5.60 -17.07 -9.39
C CYS A 208 5.89 -16.21 -10.61
N ASN A 209 4.94 -15.34 -10.94
CA ASN A 209 4.99 -14.50 -12.14
C ASN A 209 5.25 -13.07 -11.69
N VAL A 210 6.44 -12.56 -12.00
CA VAL A 210 6.91 -11.27 -11.49
C VAL A 210 6.90 -10.26 -12.62
N ASN A 211 6.32 -9.09 -12.37
CA ASN A 211 6.18 -8.03 -13.37
C ASN A 211 6.82 -6.75 -12.84
N HIS A 212 7.76 -6.18 -13.61
CA HIS A 212 8.37 -4.88 -13.29
C HIS A 212 8.30 -4.01 -14.54
N LYS A 213 7.16 -3.35 -14.75
CA LYS A 213 6.96 -2.59 -15.98
C LYS A 213 8.05 -1.55 -16.25
N PRO A 214 8.55 -0.77 -15.29
CA PRO A 214 9.57 0.24 -15.62
C PRO A 214 10.78 -0.29 -16.37
N SER A 215 11.13 -1.57 -16.18
CA SER A 215 12.23 -2.20 -16.87
C SER A 215 11.77 -3.20 -17.93
N ASN A 216 10.46 -3.33 -18.14
CA ASN A 216 9.88 -4.33 -19.04
C ASN A 216 10.34 -5.74 -18.66
N THR A 217 10.47 -5.99 -17.37
CA THR A 217 10.83 -7.30 -16.87
C THR A 217 9.57 -8.11 -16.62
N LYS A 218 9.49 -9.29 -17.24
CA LYS A 218 8.47 -10.29 -16.94
C LYS A 218 9.20 -11.62 -16.73
N VAL A 219 9.13 -12.15 -15.50
CA VAL A 219 9.92 -13.31 -15.11
C VAL A 219 9.01 -14.32 -14.44
N ASP A 220 9.07 -15.56 -14.89
CA ASP A 220 8.39 -16.68 -14.24
C ASP A 220 9.43 -17.56 -13.58
N LYS A 221 9.20 -17.93 -12.33
CA LYS A 221 10.15 -18.73 -11.56
C LYS A 221 9.41 -19.92 -10.97
N LYS A 222 9.82 -21.11 -11.33
CA LYS A 222 9.27 -22.31 -10.72
C LYS A 222 9.89 -22.50 -9.33
N VAL A 223 9.04 -22.80 -8.36
CA VAL A 223 9.47 -23.01 -6.98
C VAL A 223 9.15 -24.45 -6.62
N GLU A 224 10.18 -25.24 -6.31
CA GLU A 224 10.05 -26.65 -6.04
C GLU A 224 10.92 -27.03 -4.86
N PRO A 225 10.57 -28.09 -4.12
CA PRO A 225 11.48 -28.60 -3.09
C PRO A 225 12.82 -28.99 -3.69
N LYS A 226 13.89 -28.72 -2.94
CA LYS A 226 15.22 -29.12 -3.37
C LYS A 226 15.42 -30.61 -3.20
N SER A 227 16.18 -31.21 -4.11
CA SER A 227 16.45 -32.65 -4.11
C SER A 227 17.45 -32.96 -2.99
N CYS A 228 16.92 -33.07 -1.77
CA CYS A 228 17.75 -33.30 -0.60
C CYS A 228 16.90 -33.76 0.58
N SER B 1 -2.69 32.18 6.14
CA SER B 1 -3.12 31.28 7.19
C SER B 1 -4.20 30.32 6.68
N ASP B 2 -3.77 29.17 6.16
CA ASP B 2 -4.74 28.22 5.62
C ASP B 2 -5.52 27.54 6.75
N ILE B 3 -6.76 27.17 6.43
CA ILE B 3 -7.60 26.45 7.38
C ILE B 3 -6.96 25.10 7.67
N GLN B 4 -6.88 24.75 8.95
CA GLN B 4 -6.32 23.48 9.39
C GLN B 4 -7.45 22.56 9.83
N MET B 5 -7.34 21.27 9.49
CA MET B 5 -8.28 20.26 9.94
C MET B 5 -7.55 19.29 10.87
N THR B 6 -7.98 19.22 12.13
CA THR B 6 -7.31 18.44 13.19
C THR B 6 -8.13 17.20 13.49
N GLN B 7 -7.64 16.01 13.07
CA GLN B 7 -8.36 14.76 13.30
C GLN B 7 -7.93 14.05 14.58
N SER B 8 -8.86 13.30 15.15
CA SER B 8 -8.67 12.53 16.37
C SER B 8 -9.61 11.32 16.33
N PRO B 9 -9.20 10.15 16.85
CA PRO B 9 -7.88 9.81 17.38
C PRO B 9 -6.91 9.58 16.25
N SER B 10 -5.62 9.43 16.55
CA SER B 10 -4.66 9.09 15.50
C SER B 10 -4.92 7.71 14.93
N SER B 11 -5.35 6.78 15.76
CA SER B 11 -5.68 5.44 15.32
C SER B 11 -6.64 4.85 16.32
N LEU B 12 -7.38 3.85 15.87
CA LEU B 12 -8.25 3.13 16.79
C LEU B 12 -8.35 1.69 16.34
N SER B 13 -8.68 0.83 17.30
CA SER B 13 -8.81 -0.60 17.09
C SER B 13 -10.13 -1.01 17.72
N ALA B 14 -11.07 -1.51 16.91
CA ALA B 14 -12.40 -1.87 17.37
C ALA B 14 -12.82 -3.19 16.72
N SER B 15 -13.71 -3.91 17.39
CA SER B 15 -14.16 -5.22 16.92
C SER B 15 -15.34 -5.07 15.94
N VAL B 16 -15.55 -6.12 15.14
CA VAL B 16 -16.73 -6.14 14.30
C VAL B 16 -17.98 -5.96 15.14
N GLY B 17 -18.91 -5.15 14.63
CA GLY B 17 -20.13 -4.82 15.34
C GLY B 17 -20.03 -3.60 16.23
N ASP B 18 -18.82 -3.12 16.51
CA ASP B 18 -18.64 -1.96 17.38
C ASP B 18 -19.08 -0.68 16.69
N ARG B 19 -19.52 0.28 17.50
CA ARG B 19 -19.72 1.64 17.07
C ARG B 19 -18.41 2.41 17.19
N VAL B 20 -17.98 3.04 16.10
CA VAL B 20 -16.73 3.80 16.12
C VAL B 20 -17.04 5.23 15.69
N THR B 21 -16.37 6.19 16.31
CA THR B 21 -16.47 7.58 15.91
C THR B 21 -15.08 8.18 15.69
N ILE B 22 -15.00 9.07 14.72
CA ILE B 22 -13.78 9.80 14.38
C ILE B 22 -14.16 11.26 14.26
N THR B 23 -13.33 12.15 14.79
CA THR B 23 -13.64 13.59 14.77
C THR B 23 -12.58 14.39 14.02
N CYS B 24 -12.99 15.59 13.64
CA CYS B 24 -12.15 16.49 12.85
C CYS B 24 -12.59 17.91 13.17
N ARG B 25 -11.67 18.73 13.65
CA ARG B 25 -12.00 20.10 14.03
C ARG B 25 -11.35 21.08 13.05
N ALA B 26 -12.16 21.99 12.52
CA ALA B 26 -11.62 23.02 11.64
C ALA B 26 -11.15 24.20 12.47
N SER B 27 -10.02 24.80 12.06
CA SER B 27 -9.41 25.89 12.81
C SER B 27 -10.22 27.18 12.73
N GLN B 28 -11.08 27.30 11.74
CA GLN B 28 -12.04 28.39 11.63
C GLN B 28 -13.26 27.84 10.91
N SER B 29 -14.27 28.68 10.73
CA SER B 29 -15.49 28.19 10.11
C SER B 29 -15.23 27.71 8.69
N VAL B 30 -15.75 26.54 8.38
CA VAL B 30 -15.81 25.96 7.05
C VAL B 30 -17.25 25.71 6.64
N SER B 31 -18.20 26.37 7.32
CA SER B 31 -19.64 26.15 7.14
C SER B 31 -19.89 24.65 7.24
N SER B 32 -20.61 24.03 6.30
CA SER B 32 -20.78 22.58 6.27
C SER B 32 -20.01 21.91 5.15
N ALA B 33 -19.01 22.59 4.58
CA ALA B 33 -18.32 22.10 3.39
C ALA B 33 -17.22 21.10 3.75
N VAL B 34 -17.62 19.99 4.37
CA VAL B 34 -16.70 18.96 4.84
C VAL B 34 -17.09 17.62 4.21
N ALA B 35 -16.09 16.90 3.72
CA ALA B 35 -16.28 15.57 3.16
C ALA B 35 -15.42 14.58 3.92
N TRP B 36 -15.87 13.34 3.97
CA TRP B 36 -15.13 12.25 4.60
C TRP B 36 -14.85 11.20 3.55
N TYR B 37 -13.64 10.63 3.61
CA TYR B 37 -13.17 9.60 2.69
C TYR B 37 -12.59 8.42 3.44
N GLN B 38 -12.67 7.27 2.78
CA GLN B 38 -12.03 6.04 3.24
C GLN B 38 -10.92 5.69 2.25
N GLN B 39 -9.69 5.45 2.74
CA GLN B 39 -8.59 5.11 1.83
C GLN B 39 -7.85 3.86 2.28
N LYS B 40 -7.80 2.88 1.41
CA LYS B 40 -6.92 1.72 1.58
C LYS B 40 -5.52 2.09 1.09
N PRO B 41 -4.47 1.54 1.71
CA PRO B 41 -3.12 2.01 1.38
C PRO B 41 -2.80 1.83 -0.10
N GLY B 42 -2.31 2.91 -0.72
CA GLY B 42 -1.94 2.88 -2.12
C GLY B 42 -3.08 2.89 -3.11
N LYS B 43 -4.30 3.12 -2.67
CA LYS B 43 -5.49 3.10 -3.51
C LYS B 43 -6.19 4.44 -3.43
N ALA B 44 -7.09 4.68 -4.37
CA ALA B 44 -7.77 5.98 -4.35
C ALA B 44 -8.73 6.06 -3.16
N PRO B 45 -8.81 7.22 -2.53
CA PRO B 45 -9.81 7.41 -1.50
C PRO B 45 -11.23 7.27 -2.06
N LYS B 46 -12.17 6.84 -1.23
CA LYS B 46 -13.59 6.69 -1.62
C LYS B 46 -14.44 7.68 -0.82
N LEU B 47 -15.31 8.40 -1.50
CA LEU B 47 -16.22 9.36 -0.83
C LEU B 47 -17.29 8.65 0.00
N LEU B 48 -17.39 9.02 1.27
CA LEU B 48 -18.40 8.50 2.18
C LEU B 48 -19.50 9.52 2.48
N ILE B 49 -19.12 10.72 2.91
CA ILE B 49 -20.02 11.75 3.41
C ILE B 49 -19.65 13.06 2.73
N TYR B 50 -20.66 13.84 2.34
CA TYR B 50 -20.43 15.16 1.78
C TYR B 50 -21.31 16.17 2.54
N SER B 51 -20.93 17.45 2.44
CA SER B 51 -21.63 18.55 3.11
C SER B 51 -21.90 18.19 4.58
N ALA B 52 -20.86 17.66 5.25
CA ALA B 52 -20.84 17.31 6.67
C ALA B 52 -21.71 16.12 7.07
N SER B 53 -22.95 16.03 6.57
CA SER B 53 -23.87 15.03 7.11
C SER B 53 -24.65 14.24 6.06
N SER B 54 -24.32 14.36 4.77
CA SER B 54 -25.06 13.68 3.72
C SER B 54 -24.32 12.43 3.24
N LEU B 55 -25.05 11.33 3.13
CA LEU B 55 -24.48 10.06 2.71
C LEU B 55 -24.39 10.00 1.19
N TYR B 56 -23.20 9.84 0.65
CA TYR B 56 -23.08 9.73 -0.81
C TYR B 56 -23.80 8.50 -1.31
N SER B 57 -24.44 8.62 -2.47
CA SER B 57 -25.23 7.53 -3.03
C SER B 57 -24.41 6.26 -3.14
N GLY B 58 -24.97 5.16 -2.63
CA GLY B 58 -24.35 3.85 -2.73
C GLY B 58 -23.49 3.45 -1.55
N VAL B 59 -23.10 4.40 -0.71
CA VAL B 59 -22.28 4.11 0.47
C VAL B 59 -23.13 3.36 1.48
N PRO B 60 -22.59 2.37 2.19
CA PRO B 60 -23.40 1.64 3.17
C PRO B 60 -23.91 2.53 4.29
N SER B 61 -25.14 2.24 4.71
CA SER B 61 -25.85 3.05 5.68
C SER B 61 -25.22 3.06 7.07
N ARG B 62 -24.25 2.17 7.37
CA ARG B 62 -23.58 2.24 8.67
C ARG B 62 -22.70 3.48 8.80
N PHE B 63 -22.41 4.16 7.70
CA PHE B 63 -21.65 5.41 7.77
C PHE B 63 -22.61 6.60 7.89
N SER B 64 -22.25 7.54 8.76
CA SER B 64 -22.97 8.81 8.85
C SER B 64 -22.03 9.91 9.33
N GLY B 65 -22.45 11.15 9.13
CA GLY B 65 -21.65 12.27 9.56
C GLY B 65 -22.52 13.33 10.23
N SER B 66 -21.87 14.14 11.06
CA SER B 66 -22.57 15.22 11.76
C SER B 66 -21.63 16.38 12.03
N ARG B 67 -22.24 17.55 12.26
CA ARG B 67 -21.51 18.78 12.51
C ARG B 67 -22.01 19.42 13.78
N SER B 68 -21.09 19.96 14.57
CA SER B 68 -21.41 20.85 15.68
C SER B 68 -20.39 21.99 15.65
N GLY B 69 -20.80 23.12 15.09
CA GLY B 69 -19.88 24.24 14.98
C GLY B 69 -18.74 23.94 14.02
N THR B 70 -17.51 23.93 14.54
CA THR B 70 -16.35 23.58 13.73
C THR B 70 -15.88 22.14 13.97
N ASP B 71 -16.63 21.35 14.74
CA ASP B 71 -16.30 19.95 15.01
C ASP B 71 -17.15 19.06 14.12
N PHE B 72 -16.49 18.15 13.40
CA PHE B 72 -17.18 17.24 12.49
C PHE B 72 -16.92 15.81 12.96
N THR B 73 -17.95 14.97 12.91
CA THR B 73 -17.84 13.61 13.39
C THR B 73 -18.27 12.64 12.30
N LEU B 74 -17.45 11.63 12.04
CA LEU B 74 -17.84 10.47 11.24
C LEU B 74 -18.12 9.30 12.16
N THR B 75 -19.29 8.69 12.01
CA THR B 75 -19.70 7.53 12.81
C THR B 75 -19.86 6.31 11.91
N ILE B 76 -19.31 5.18 12.34
CA ILE B 76 -19.61 3.86 11.77
C ILE B 76 -20.43 3.09 12.81
N SER B 77 -21.70 2.85 12.52
CA SER B 77 -22.61 2.38 13.58
C SER B 77 -22.34 0.95 13.98
N SER B 78 -21.87 0.11 13.04
CA SER B 78 -21.60 -1.31 13.28
C SER B 78 -20.45 -1.71 12.37
N LEU B 79 -19.23 -1.70 12.91
CA LEU B 79 -18.02 -1.92 12.11
C LEU B 79 -18.03 -3.26 11.40
N GLN B 80 -17.56 -3.27 10.15
CA GLN B 80 -17.43 -4.47 9.32
C GLN B 80 -15.96 -4.79 9.06
N PRO B 81 -15.61 -6.05 8.79
CA PRO B 81 -14.18 -6.40 8.71
C PRO B 81 -13.42 -5.75 7.57
N GLU B 82 -14.10 -5.34 6.49
CA GLU B 82 -13.42 -4.64 5.41
C GLU B 82 -13.26 -3.14 5.68
N ASP B 83 -13.70 -2.64 6.84
CA ASP B 83 -13.66 -1.21 7.11
C ASP B 83 -12.29 -0.73 7.59
N PHE B 84 -11.28 -1.60 7.69
CA PHE B 84 -9.95 -1.12 8.02
C PHE B 84 -9.43 -0.26 6.88
N ALA B 85 -8.87 0.90 7.24
CA ALA B 85 -8.46 1.91 6.28
C ALA B 85 -7.93 3.12 7.02
N THR B 86 -7.41 4.12 6.31
CA THR B 86 -7.23 5.42 6.92
C THR B 86 -8.36 6.31 6.43
N TYR B 87 -9.03 6.97 7.37
CA TYR B 87 -10.17 7.85 7.07
C TYR B 87 -9.72 9.30 7.15
N TYR B 88 -10.08 10.10 6.14
CA TYR B 88 -9.69 11.50 6.07
C TYR B 88 -10.91 12.41 5.99
N CYS B 89 -10.86 13.53 6.72
CA CYS B 89 -11.79 14.62 6.50
C CYS B 89 -11.13 15.64 5.57
N GLN B 90 -11.97 16.37 4.84
CA GLN B 90 -11.54 17.40 3.93
C GLN B 90 -12.48 18.60 4.03
N GLN B 91 -11.92 19.80 4.05
CA GLN B 91 -12.72 21.01 3.90
C GLN B 91 -12.52 21.57 2.50
N SER B 92 -13.64 21.95 1.88
CA SER B 92 -13.63 22.68 0.62
C SER B 92 -14.47 23.94 0.74
N TYR B 93 -14.39 24.60 1.90
CA TYR B 93 -15.07 25.87 2.09
C TYR B 93 -14.41 26.98 1.28
N SER B 94 -13.08 26.95 1.22
CA SER B 94 -12.32 27.91 0.42
C SER B 94 -11.12 27.21 -0.19
N PHE B 95 -10.56 27.83 -1.23
CA PHE B 95 -9.28 27.36 -1.73
C PHE B 95 -8.15 27.97 -0.90
N PRO B 96 -7.10 27.21 -0.59
CA PRO B 96 -6.83 25.82 -0.99
C PRO B 96 -7.60 24.84 -0.13
N SER B 97 -8.00 23.72 -0.72
CA SER B 97 -8.62 22.67 0.07
C SER B 97 -7.59 22.06 1.03
N THR B 98 -8.04 21.68 2.22
CA THR B 98 -7.15 21.02 3.16
C THR B 98 -7.78 19.76 3.74
N PHE B 99 -6.91 18.79 4.04
CA PHE B 99 -7.30 17.51 4.59
C PHE B 99 -6.81 17.37 6.03
N GLY B 100 -7.56 16.61 6.83
CA GLY B 100 -7.06 16.14 8.09
C GLY B 100 -5.91 15.15 7.89
N GLN B 101 -5.22 14.86 8.98
CA GLN B 101 -4.04 14.00 8.90
C GLN B 101 -4.36 12.52 8.85
N GLY B 102 -5.63 12.14 8.94
CA GLY B 102 -6.05 10.75 8.81
C GLY B 102 -6.17 10.08 10.16
N THR B 103 -7.10 9.15 10.25
CA THR B 103 -7.27 8.26 11.41
C THR B 103 -7.19 6.83 10.91
N LYS B 104 -6.23 6.06 11.43
CA LYS B 104 -6.08 4.67 11.00
C LYS B 104 -7.01 3.79 11.82
N VAL B 105 -7.85 3.01 11.14
CA VAL B 105 -8.81 2.11 11.78
C VAL B 105 -8.35 0.68 11.55
N GLU B 106 -8.14 -0.05 12.65
CA GLU B 106 -7.79 -1.46 12.61
C GLU B 106 -8.93 -2.28 13.20
N ILE B 107 -9.11 -3.50 12.69
CA ILE B 107 -10.13 -4.40 13.19
C ILE B 107 -9.53 -5.22 14.33
N LYS B 108 -10.09 -5.07 15.52
CA LYS B 108 -9.67 -5.83 16.67
C LYS B 108 -10.31 -7.21 16.61
N ARG B 109 -9.56 -8.23 17.04
CA ARG B 109 -10.09 -9.58 17.08
C ARG B 109 -9.34 -10.36 18.15
N THR B 110 -9.62 -11.66 18.21
CA THR B 110 -8.95 -12.52 19.17
C THR B 110 -7.50 -12.77 18.77
N VAL B 111 -6.70 -13.14 19.78
CA VAL B 111 -5.31 -13.50 19.54
C VAL B 111 -5.23 -14.71 18.60
N ALA B 112 -4.27 -14.68 17.68
CA ALA B 112 -3.95 -15.80 16.80
C ALA B 112 -2.43 -15.96 16.73
N ALA B 113 -1.95 -17.15 17.06
CA ALA B 113 -0.51 -17.41 17.05
C ALA B 113 0.00 -17.56 15.62
N PRO B 114 1.20 -17.09 15.32
CA PRO B 114 1.75 -17.23 13.97
C PRO B 114 2.29 -18.62 13.71
N SER B 115 2.15 -19.05 12.45
CA SER B 115 2.89 -20.18 11.92
C SER B 115 4.21 -19.67 11.34
N VAL B 116 5.30 -20.35 11.65
CA VAL B 116 6.64 -19.84 11.37
C VAL B 116 7.36 -20.77 10.40
N PHE B 117 8.04 -20.17 9.42
CA PHE B 117 8.77 -20.88 8.38
C PHE B 117 10.09 -20.17 8.14
N ILE B 118 11.17 -20.93 7.94
CA ILE B 118 12.47 -20.34 7.61
C ILE B 118 12.91 -20.86 6.25
N PHE B 119 13.53 -19.97 5.47
CA PHE B 119 13.97 -20.27 4.11
C PHE B 119 15.45 -19.93 3.95
N PRO B 120 16.29 -20.89 3.59
CA PRO B 120 17.69 -20.59 3.32
C PRO B 120 17.83 -19.85 2.00
N PRO B 121 18.95 -19.18 1.76
CA PRO B 121 19.17 -18.57 0.45
C PRO B 121 19.32 -19.63 -0.63
N SER B 122 18.91 -19.27 -1.84
CA SER B 122 19.03 -20.18 -2.97
C SER B 122 20.48 -20.24 -3.44
N ASP B 123 20.85 -21.38 -4.00
CA ASP B 123 22.16 -21.50 -4.66
C ASP B 123 22.32 -20.43 -5.74
N GLU B 124 21.26 -20.14 -6.48
CA GLU B 124 21.34 -19.14 -7.53
C GLU B 124 21.76 -17.79 -6.98
N GLN B 125 21.19 -17.38 -5.83
CA GLN B 125 21.52 -16.07 -5.30
C GLN B 125 22.97 -16.01 -4.81
N LEU B 126 23.43 -17.08 -4.16
CA LEU B 126 24.79 -17.09 -3.61
C LEU B 126 25.84 -16.81 -4.69
N LYS B 127 25.59 -17.23 -5.93
CA LYS B 127 26.55 -17.01 -7.01
C LYS B 127 26.84 -15.54 -7.26
N SER B 128 25.97 -14.64 -6.80
CA SER B 128 26.16 -13.21 -7.00
C SER B 128 26.75 -12.50 -5.78
N GLY B 129 27.05 -13.23 -4.71
CA GLY B 129 27.83 -12.69 -3.62
C GLY B 129 27.06 -12.29 -2.37
N THR B 130 25.73 -12.38 -2.39
CA THR B 130 24.92 -12.02 -1.24
C THR B 130 23.97 -13.16 -0.91
N ALA B 131 23.62 -13.26 0.37
CA ALA B 131 22.76 -14.31 0.89
C ALA B 131 21.60 -13.66 1.63
N SER B 132 20.36 -14.01 1.26
CA SER B 132 19.17 -13.57 1.98
C SER B 132 18.54 -14.77 2.67
N VAL B 133 18.31 -14.64 3.97
CA VAL B 133 17.61 -15.65 4.75
C VAL B 133 16.28 -15.07 5.17
N VAL B 134 15.19 -15.81 4.95
CA VAL B 134 13.84 -15.29 5.12
C VAL B 134 13.13 -16.06 6.21
N CYS B 135 12.50 -15.33 7.12
CA CYS B 135 11.61 -15.90 8.12
C CYS B 135 10.21 -15.37 7.88
N LEU B 136 9.24 -16.27 7.80
CA LEU B 136 7.84 -15.91 7.59
C LEU B 136 7.04 -16.20 8.85
N LEU B 137 6.25 -15.23 9.29
CA LEU B 137 5.26 -15.41 10.35
C LEU B 137 3.89 -15.25 9.72
N ASN B 138 3.07 -16.30 9.73
CA ASN B 138 1.86 -16.31 8.92
C ASN B 138 0.60 -16.24 9.76
N ASN B 139 -0.30 -15.33 9.39
CA ASN B 139 -1.71 -15.29 9.80
C ASN B 139 -1.84 -15.18 11.32
N PHE B 140 -1.37 -14.06 11.85
CA PHE B 140 -1.36 -13.87 13.30
C PHE B 140 -2.07 -12.58 13.68
N TYR B 141 -2.38 -12.46 14.97
CA TYR B 141 -3.00 -11.26 15.52
C TYR B 141 -2.70 -11.26 17.01
N PRO B 142 -2.38 -10.10 17.63
CA PRO B 142 -2.24 -8.77 17.04
C PRO B 142 -0.97 -8.61 16.22
N ARG B 143 -0.79 -7.42 15.66
CA ARG B 143 0.34 -7.14 14.77
C ARG B 143 1.68 -7.24 15.49
N GLU B 144 1.73 -6.98 16.79
CA GLU B 144 3.02 -6.89 17.45
C GLU B 144 3.68 -8.27 17.59
N ALA B 145 4.95 -8.34 17.21
CA ALA B 145 5.70 -9.58 17.29
C ALA B 145 7.18 -9.24 17.25
N LYS B 146 7.97 -10.10 17.87
CA LYS B 146 9.42 -9.95 17.88
C LYS B 146 10.04 -11.09 17.09
N VAL B 147 10.95 -10.77 16.18
CA VAL B 147 11.70 -11.77 15.43
C VAL B 147 13.18 -11.57 15.76
N GLN B 148 13.82 -12.62 16.28
CA GLN B 148 15.25 -12.61 16.59
C GLN B 148 15.97 -13.61 15.71
N TRP B 149 17.02 -13.15 15.04
CA TRP B 149 17.87 -14.00 14.21
C TRP B 149 19.07 -14.44 15.04
N LYS B 150 19.38 -15.73 14.97
CA LYS B 150 20.59 -16.28 15.58
C LYS B 150 21.38 -17.04 14.53
N VAL B 151 22.69 -16.78 14.48
CA VAL B 151 23.61 -17.46 13.59
C VAL B 151 24.66 -18.12 14.46
N ASP B 152 24.73 -19.45 14.40
CA ASP B 152 25.57 -20.24 15.31
C ASP B 152 25.36 -19.78 16.75
N ASN B 153 24.08 -19.65 17.13
CA ASN B 153 23.62 -19.25 18.46
C ASN B 153 24.00 -17.82 18.84
N ALA B 154 24.48 -17.01 17.91
CA ALA B 154 24.86 -15.63 18.19
C ALA B 154 23.77 -14.69 17.69
N LEU B 155 23.24 -13.88 18.61
CA LEU B 155 22.17 -12.95 18.26
C LEU B 155 22.66 -11.93 17.23
N GLN B 156 21.84 -11.71 16.20
CA GLN B 156 22.16 -10.81 15.11
C GLN B 156 21.59 -9.41 15.37
N SER B 157 22.25 -8.41 14.80
CA SER B 157 21.85 -7.02 15.03
C SER B 157 22.16 -6.19 13.79
N GLY B 158 21.20 -5.36 13.40
CA GLY B 158 21.42 -4.36 12.37
C GLY B 158 21.46 -4.86 10.94
N ASN B 159 21.17 -6.14 10.71
CA ASN B 159 21.30 -6.72 9.37
C ASN B 159 20.01 -7.41 8.91
N SER B 160 18.85 -6.95 9.40
CA SER B 160 17.58 -7.53 8.97
C SER B 160 16.56 -6.41 8.77
N GLN B 161 15.54 -6.71 7.96
CA GLN B 161 14.42 -5.81 7.74
C GLN B 161 13.13 -6.60 7.75
N GLU B 162 12.05 -5.96 8.22
CA GLU B 162 10.74 -6.57 8.33
C GLU B 162 9.74 -5.83 7.43
N SER B 163 8.73 -6.55 6.97
CA SER B 163 7.63 -6.00 6.20
C SER B 163 6.38 -6.73 6.63
N VAL B 164 5.24 -6.05 6.70
CA VAL B 164 4.00 -6.66 7.16
C VAL B 164 2.89 -6.41 6.15
N THR B 165 2.02 -7.39 5.97
CA THR B 165 0.85 -7.22 5.13
C THR B 165 -0.21 -6.37 5.84
N GLU B 166 -1.16 -5.86 5.06
CA GLU B 166 -2.33 -5.29 5.71
C GLU B 166 -3.25 -6.42 6.18
N GLN B 167 -4.24 -6.05 7.00
CA GLN B 167 -5.14 -7.04 7.57
C GLN B 167 -5.92 -7.81 6.52
N ASP B 168 -6.11 -9.10 6.77
CA ASP B 168 -6.94 -9.95 5.91
C ASP B 168 -8.38 -9.44 5.94
N SER B 169 -8.98 -9.31 4.76
CA SER B 169 -10.32 -8.73 4.67
C SER B 169 -11.40 -9.66 5.22
N LYS B 170 -11.09 -10.94 5.43
CA LYS B 170 -12.04 -11.90 6.00
C LYS B 170 -11.85 -12.11 7.49
N ASP B 171 -10.64 -12.50 7.92
CA ASP B 171 -10.45 -12.85 9.32
C ASP B 171 -9.47 -11.95 10.07
N SER B 172 -9.04 -10.83 9.48
CA SER B 172 -8.37 -9.73 10.16
C SER B 172 -6.95 -10.04 10.64
N THR B 173 -6.29 -11.06 10.10
CA THR B 173 -4.94 -11.39 10.55
C THR B 173 -3.89 -10.66 9.72
N TYR B 174 -2.65 -10.67 10.24
CA TYR B 174 -1.47 -10.18 9.55
C TYR B 174 -0.51 -11.32 9.22
N SER B 175 0.38 -11.05 8.25
CA SER B 175 1.58 -11.85 8.09
C SER B 175 2.79 -10.92 8.01
N LEU B 176 3.95 -11.49 8.32
CA LEU B 176 5.17 -10.72 8.49
C LEU B 176 6.34 -11.50 7.93
N SER B 177 7.23 -10.81 7.21
CA SER B 177 8.49 -11.37 6.76
C SER B 177 9.63 -10.65 7.46
N SER B 178 10.68 -11.39 7.78
CA SER B 178 11.94 -10.82 8.25
C SER B 178 13.04 -11.37 7.39
N THR B 179 13.82 -10.49 6.76
CA THR B 179 14.87 -10.90 5.84
C THR B 179 16.22 -10.53 6.43
N LEU B 180 17.06 -11.53 6.63
CA LEU B 180 18.44 -11.35 7.10
C LEU B 180 19.37 -11.36 5.88
N THR B 181 20.16 -10.31 5.71
CA THR B 181 21.09 -10.20 4.59
C THR B 181 22.52 -10.34 5.07
N LEU B 182 23.25 -11.29 4.48
CA LEU B 182 24.65 -11.53 4.79
C LEU B 182 25.46 -11.61 3.49
N SER B 183 26.74 -11.32 3.59
CA SER B 183 27.61 -11.59 2.46
C SER B 183 27.74 -13.10 2.28
N LYS B 184 28.04 -13.53 1.05
CA LYS B 184 28.23 -14.96 0.85
C LYS B 184 29.32 -15.50 1.76
N ALA B 185 30.44 -14.77 1.88
CA ALA B 185 31.55 -15.22 2.72
C ALA B 185 31.11 -15.40 4.16
N ASP B 186 30.31 -14.47 4.69
CA ASP B 186 29.83 -14.60 6.05
C ASP B 186 28.84 -15.75 6.18
N TYR B 187 28.00 -15.95 5.16
CA TYR B 187 27.05 -17.05 5.20
C TYR B 187 27.76 -18.41 5.21
N GLU B 188 28.82 -18.54 4.40
CA GLU B 188 29.52 -19.82 4.32
C GLU B 188 30.33 -20.12 5.57
N LYS B 189 30.65 -19.11 6.38
CA LYS B 189 31.43 -19.28 7.60
C LYS B 189 30.65 -19.91 8.75
N HIS B 190 29.33 -19.98 8.68
CA HIS B 190 28.52 -20.45 9.80
C HIS B 190 27.59 -21.55 9.36
N LYS B 191 27.08 -22.31 10.33
CA LYS B 191 26.34 -23.54 10.07
C LYS B 191 24.85 -23.44 10.40
N VAL B 192 24.49 -23.02 11.61
CA VAL B 192 23.11 -23.06 12.08
C VAL B 192 22.49 -21.67 11.96
N TYR B 193 21.36 -21.58 11.26
CA TYR B 193 20.63 -20.33 11.10
C TYR B 193 19.25 -20.50 11.71
N ALA B 194 18.85 -19.57 12.57
CA ALA B 194 17.64 -19.75 13.34
C ALA B 194 16.87 -18.44 13.42
N CYS B 195 15.54 -18.56 13.37
CA CYS B 195 14.60 -17.47 13.55
C CYS B 195 13.79 -17.76 14.80
N GLU B 196 13.81 -16.86 15.77
CA GLU B 196 13.09 -17.05 17.03
C GLU B 196 11.96 -16.03 17.15
N VAL B 197 10.74 -16.53 17.33
CA VAL B 197 9.54 -15.71 17.29
C VAL B 197 8.87 -15.70 18.65
N THR B 198 8.58 -14.51 19.16
CA THR B 198 7.77 -14.32 20.36
C THR B 198 6.52 -13.55 19.98
N HIS B 199 5.37 -14.03 20.46
CA HIS B 199 4.08 -13.45 20.13
C HIS B 199 3.09 -13.96 21.16
N GLN B 200 2.10 -13.12 21.49
CA GLN B 200 1.25 -13.49 22.62
C GLN B 200 0.36 -14.70 22.32
N GLY B 201 0.28 -15.15 21.06
CA GLY B 201 -0.40 -16.40 20.78
C GLY B 201 0.37 -17.64 21.17
N LEU B 202 1.67 -17.52 21.43
CA LEU B 202 2.53 -18.66 21.72
C LEU B 202 2.84 -18.71 23.21
N SER B 203 2.67 -19.89 23.81
CA SER B 203 3.01 -20.06 25.22
C SER B 203 4.51 -19.89 25.43
N SER B 204 5.31 -20.51 24.56
CA SER B 204 6.75 -20.36 24.55
C SER B 204 7.22 -19.90 23.18
N PRO B 205 8.35 -19.21 23.09
CA PRO B 205 8.86 -18.78 21.78
C PRO B 205 9.13 -19.97 20.87
N VAL B 206 8.90 -19.75 19.58
CA VAL B 206 9.07 -20.77 18.55
C VAL B 206 10.32 -20.45 17.75
N THR B 207 11.21 -21.43 17.61
CA THR B 207 12.43 -21.28 16.83
C THR B 207 12.39 -22.24 15.65
N LYS B 208 12.63 -21.71 14.45
CA LYS B 208 12.83 -22.52 13.26
C LYS B 208 14.28 -22.36 12.80
N SER B 209 14.89 -23.46 12.40
CA SER B 209 16.32 -23.49 12.11
C SER B 209 16.58 -24.34 10.90
N PHE B 210 17.76 -24.14 10.30
CA PHE B 210 18.30 -25.07 9.33
C PHE B 210 19.81 -25.07 9.49
N ASN B 211 20.44 -26.14 8.98
CA ASN B 211 21.88 -26.22 8.86
C ASN B 211 22.26 -25.96 7.41
N ARG B 212 23.14 -24.98 7.19
CA ARG B 212 23.60 -24.66 5.85
C ARG B 212 24.11 -25.91 5.14
N GLY B 213 23.63 -26.13 3.92
CA GLY B 213 24.06 -27.25 3.10
C GLY B 213 23.53 -28.60 3.53
N GLU B 214 22.77 -28.68 4.61
CA GLU B 214 22.30 -29.96 5.14
C GLU B 214 20.82 -30.16 4.77
N CYS B 215 20.58 -30.19 3.46
CA CYS B 215 19.24 -30.39 2.92
C CYS B 215 18.23 -29.38 3.46
P A2M C 21 -22.00 37.83 0.40
OP1 A2M C 21 -22.37 38.79 -0.70
O5' A2M C 21 -21.23 38.64 1.62
C5' A2M C 21 -21.07 37.99 2.85
C4' A2M C 21 -20.66 39.00 3.97
O4' A2M C 21 -19.28 38.62 4.56
C3' A2M C 21 -20.48 40.16 3.49
O3' A2M C 21 -20.71 41.17 4.52
C2' A2M C 21 -18.90 40.21 2.98
O2' A2M C 21 -18.30 41.49 3.34
C1' A2M C 21 -18.27 39.26 3.56
CM' A2M C 21 -18.62 42.55 2.48
N9 A2M C 21 -17.69 38.17 2.69
C8 A2M C 21 -16.98 37.07 2.93
N7 A2M C 21 -16.73 36.45 1.78
C5 A2M C 21 -17.30 37.16 0.80
C6 A2M C 21 -17.33 36.95 -0.57
N6 A2M C 21 -16.82 35.94 -1.49
N1 A2M C 21 -17.95 37.80 -1.36
C2 A2M C 21 -18.56 38.87 -0.83
N3 A2M C 21 -18.53 39.07 0.51
C4 A2M C 21 -17.89 38.23 1.35
OP2 A2M C 21 -21.08 36.76 -0.15
N GLY D . -21.38 33.14 4.53
CA GLY D . -21.26 33.66 5.88
C GLY D . -21.70 35.10 6.00
O GLY D . -22.03 35.74 5.00
#